data_5I7N
#
_entry.id   5I7N
#
_cell.length_a   83.320
_cell.length_b   83.320
_cell.length_c   124.390
_cell.angle_alpha   90.00
_cell.angle_beta   90.00
_cell.angle_gamma   90.00
#
_symmetry.space_group_name_H-M   'P 41 21 2'
#
loop_
_entity.id
_entity.type
_entity.pdbx_description
1 polymer 'MaoC-like dehydratase'
2 water water
#
_entity_poly.entity_id   1
_entity_poly.type   'polypeptide(L)'
_entity_poly.pdbx_seq_one_letter_code
;GMTAPVDGSALEARVGHYYQMDNPYLVGREKVREYARAVQDYHPSHWDAAAAADLGYSGVVAPLTFTSTPAMACNRRMFE
SVVVGYDTYLQTEEVFEQHRPIVAGDELHIDVELTSIRRVAGRDLITVTNTFTDMAGERVHTLHTTVVGITADEISPGTM
AAVQKAMMHDVDFSGIGAPGDSYIKTVRPAGEVRVAQDTARNPGTPSFDDVKVGDELPVHHTRLSRGDLVNYAGVAGDAN
PIHWDEEIAKLAGLPDVIAHGMLTMGLGAGFFSAWSGDPGAVTRYAVRLSAPAIVSAAEGADIEFGGKIKSLDPQTRTGI
VVVTAKASGKKIFGLATMSVRFS
;
_entity_poly.pdbx_strand_id   A
#
# COMPACT_ATOMS: atom_id res chain seq x y z
N ALA A 10 11.93 -17.16 20.80
CA ALA A 10 13.00 -16.92 19.85
C ALA A 10 12.47 -16.39 18.52
N LEU A 11 11.14 -16.22 18.43
CA LEU A 11 10.55 -15.56 17.26
C LEU A 11 11.13 -14.17 17.07
N GLU A 12 11.52 -13.53 18.17
CA GLU A 12 11.85 -12.11 18.24
C GLU A 12 13.32 -11.82 17.96
N ALA A 13 14.14 -12.85 17.72
CA ALA A 13 15.59 -12.67 17.74
C ALA A 13 16.05 -11.71 16.65
N ARG A 14 15.44 -11.76 15.47
CA ARG A 14 15.86 -10.93 14.35
C ARG A 14 15.12 -9.60 14.26
N VAL A 15 14.17 -9.34 15.18
CA VAL A 15 13.47 -8.06 15.17
C VAL A 15 14.47 -6.95 15.41
N GLY A 16 14.32 -5.87 14.64
CA GLY A 16 15.31 -4.81 14.59
C GLY A 16 16.22 -4.87 13.39
N HIS A 17 16.25 -6.00 12.67
CA HIS A 17 17.12 -6.13 11.51
C HIS A 17 16.85 -5.03 10.50
N TYR A 18 17.93 -4.45 9.98
CA TYR A 18 17.85 -3.25 9.16
C TYR A 18 18.84 -3.37 8.00
N TYR A 19 18.42 -2.90 6.83
CA TYR A 19 19.33 -2.78 5.70
C TYR A 19 18.81 -1.71 4.74
N GLN A 20 19.74 -1.09 4.03
CA GLN A 20 19.40 -0.09 3.03
C GLN A 20 19.70 -0.64 1.64
N MET A 21 18.96 -0.18 0.65
N MET A 21 18.94 -0.20 0.66
CA MET A 21 19.28 -0.52 -0.73
CA MET A 21 19.27 -0.49 -0.73
C MET A 21 20.37 0.41 -1.24
C MET A 21 20.40 0.41 -1.17
N ASP A 22 21.36 -0.17 -1.91
CA ASP A 22 22.44 0.65 -2.46
C ASP A 22 21.92 1.63 -3.49
N ASN A 23 20.91 1.22 -4.29
CA ASN A 23 20.50 2.02 -5.44
C ASN A 23 19.21 2.76 -5.14
N PRO A 24 19.21 4.07 -5.32
CA PRO A 24 17.98 4.84 -5.14
C PRO A 24 17.01 4.59 -6.30
N TYR A 25 15.78 4.98 -6.06
CA TYR A 25 14.70 4.80 -7.01
C TYR A 25 14.30 6.16 -7.57
N LEU A 26 14.43 6.33 -8.88
CA LEU A 26 14.09 7.59 -9.54
C LEU A 26 12.65 7.48 -10.03
N VAL A 27 11.78 8.34 -9.48
CA VAL A 27 10.35 8.30 -9.80
C VAL A 27 10.15 8.92 -11.17
N GLY A 28 9.63 8.13 -12.11
CA GLY A 28 9.48 8.57 -13.49
C GLY A 28 8.04 8.92 -13.84
N ARG A 29 7.87 9.97 -14.64
CA ARG A 29 6.55 10.44 -15.05
C ARG A 29 5.70 9.34 -15.67
N GLU A 30 6.26 8.57 -16.62
CA GLU A 30 5.43 7.56 -17.27
C GLU A 30 5.08 6.41 -16.32
N LYS A 31 6.00 6.03 -15.43
CA LYS A 31 5.69 4.98 -14.45
C LYS A 31 4.59 5.45 -13.48
N VAL A 32 4.61 6.72 -13.11
CA VAL A 32 3.53 7.27 -12.26
C VAL A 32 2.18 7.11 -12.96
N ARG A 33 2.11 7.53 -14.22
CA ARG A 33 0.86 7.40 -14.97
C ARG A 33 0.45 5.94 -15.07
N GLU A 34 1.41 5.05 -15.29
CA GLU A 34 1.12 3.62 -15.41
C GLU A 34 0.53 3.05 -14.11
N TYR A 35 1.11 3.43 -12.96
CA TYR A 35 0.55 2.95 -11.70
C TYR A 35 -0.85 3.52 -11.47
N ALA A 36 -1.05 4.80 -11.79
CA ALA A 36 -2.38 5.39 -11.66
C ALA A 36 -3.40 4.63 -12.51
N ARG A 37 -3.04 4.33 -13.75
N ARG A 37 -3.03 4.31 -13.75
CA ARG A 37 -3.90 3.51 -14.60
CA ARG A 37 -3.91 3.50 -14.60
C ARG A 37 -4.22 2.18 -13.92
C ARG A 37 -4.21 2.16 -13.96
N ALA A 38 -3.22 1.54 -13.33
CA ALA A 38 -3.41 0.22 -12.76
C ALA A 38 -4.37 0.23 -11.58
N VAL A 39 -4.48 1.35 -10.87
CA VAL A 39 -5.42 1.50 -9.76
C VAL A 39 -6.62 2.35 -10.16
N GLN A 40 -6.89 2.47 -11.47
CA GLN A 40 -8.08 3.15 -11.98
C GLN A 40 -8.23 4.54 -11.38
N ASP A 41 -7.10 5.24 -11.22
CA ASP A 41 -7.07 6.54 -10.56
C ASP A 41 -6.77 7.61 -11.60
N TYR A 42 -7.80 8.38 -11.96
CA TYR A 42 -7.67 9.39 -13.01
C TYR A 42 -7.61 10.81 -12.46
N HIS A 43 -7.18 10.99 -11.21
CA HIS A 43 -7.03 12.34 -10.72
C HIS A 43 -6.01 13.07 -11.59
N PRO A 44 -6.32 14.27 -12.08
CA PRO A 44 -5.43 14.92 -13.04
C PRO A 44 -4.00 15.14 -12.53
N SER A 45 -3.80 15.24 -11.22
CA SER A 45 -2.45 15.48 -10.72
C SER A 45 -1.52 14.29 -10.93
N HIS A 46 -2.06 13.10 -11.20
CA HIS A 46 -1.25 11.93 -11.51
C HIS A 46 -0.92 11.83 -12.99
N TRP A 47 -1.55 12.65 -13.82
CA TRP A 47 -1.46 12.48 -15.27
C TRP A 47 -0.95 13.69 -16.01
N ASP A 48 -1.31 14.90 -15.58
CA ASP A 48 -1.15 16.14 -16.33
C ASP A 48 -0.24 17.05 -15.51
N ALA A 49 0.96 17.32 -16.04
CA ALA A 49 1.93 18.11 -15.29
C ALA A 49 1.41 19.52 -15.00
N ALA A 50 0.61 20.08 -15.91
CA ALA A 50 0.08 21.42 -15.67
C ALA A 50 -0.97 21.43 -14.57
N ALA A 51 -1.80 20.39 -14.51
CA ALA A 51 -2.75 20.26 -13.42
C ALA A 51 -2.04 20.06 -12.09
N ALA A 52 -0.97 19.26 -12.09
CA ALA A 52 -0.17 19.11 -10.87
C ALA A 52 0.46 20.44 -10.47
N ALA A 53 0.99 21.19 -11.44
CA ALA A 53 1.60 22.48 -11.15
C ALA A 53 0.59 23.46 -10.55
N ASP A 54 -0.67 23.42 -11.02
CA ASP A 54 -1.69 24.29 -10.46
C ASP A 54 -1.94 23.98 -9.00
N LEU A 55 -1.74 22.73 -8.59
CA LEU A 55 -1.85 22.34 -7.19
C LEU A 55 -0.56 22.53 -6.42
N GLY A 56 0.48 23.08 -7.06
CA GLY A 56 1.71 23.39 -6.38
C GLY A 56 2.80 22.35 -6.48
N TYR A 57 2.65 21.37 -7.36
CA TYR A 57 3.60 20.27 -7.46
C TYR A 57 4.53 20.46 -8.66
N SER A 58 5.78 20.03 -8.50
CA SER A 58 6.78 20.25 -9.55
C SER A 58 6.73 19.20 -10.66
N GLY A 59 5.94 18.13 -10.49
CA GLY A 59 5.76 17.13 -11.51
C GLY A 59 4.51 16.36 -11.14
N VAL A 60 4.13 15.40 -11.99
CA VAL A 60 2.97 14.57 -11.66
C VAL A 60 3.20 13.89 -10.31
N VAL A 61 2.13 13.75 -9.55
CA VAL A 61 2.18 13.21 -8.19
C VAL A 61 2.03 11.71 -8.26
N ALA A 62 2.79 10.97 -7.45
CA ALA A 62 2.59 9.54 -7.36
C ALA A 62 1.30 9.24 -6.59
N PRO A 63 0.44 8.35 -7.08
CA PRO A 63 -0.66 7.85 -6.25
C PRO A 63 -0.09 7.34 -4.94
N LEU A 64 -0.88 7.52 -3.88
CA LEU A 64 -0.36 7.31 -2.52
C LEU A 64 0.26 5.94 -2.33
N THR A 65 -0.36 4.89 -2.88
CA THR A 65 0.12 3.52 -2.66
C THR A 65 1.23 3.10 -3.63
N PHE A 66 1.68 4.03 -4.50
CA PHE A 66 2.76 3.75 -5.44
C PHE A 66 3.99 3.18 -4.75
N THR A 67 4.27 3.66 -3.53
CA THR A 67 5.47 3.24 -2.82
C THR A 67 5.51 1.74 -2.58
N SER A 68 4.35 1.08 -2.64
CA SER A 68 4.30 -0.38 -2.51
C SER A 68 5.17 -1.06 -3.55
N THR A 69 5.32 -0.46 -4.72
CA THR A 69 6.01 -1.12 -5.82
C THR A 69 7.52 -1.20 -5.59
N PRO A 70 8.24 -0.09 -5.41
CA PRO A 70 9.65 -0.23 -5.02
C PRO A 70 9.85 -0.89 -3.67
N ALA A 71 8.92 -0.73 -2.72
CA ALA A 71 9.12 -1.36 -1.41
C ALA A 71 9.15 -2.88 -1.52
N MET A 72 8.26 -3.46 -2.33
CA MET A 72 8.23 -4.91 -2.44
C MET A 72 9.54 -5.45 -2.99
N ALA A 73 10.10 -4.77 -3.99
CA ALA A 73 11.40 -5.17 -4.53
C ALA A 73 12.48 -5.06 -3.47
N CYS A 74 12.44 -3.97 -2.69
N CYS A 74 12.46 -3.97 -2.69
CA CYS A 74 13.43 -3.74 -1.64
CA CYS A 74 13.49 -3.81 -1.66
C CYS A 74 13.34 -4.81 -0.56
C CYS A 74 13.35 -4.84 -0.55
N ASN A 75 12.13 -5.27 -0.27
CA ASN A 75 11.88 -6.17 0.86
C ASN A 75 12.16 -7.64 0.54
N ARG A 76 12.61 -7.94 -0.68
N ARG A 76 12.63 -7.96 -0.67
CA ARG A 76 12.85 -9.33 -1.07
CA ARG A 76 12.81 -9.36 -1.03
C ARG A 76 13.78 -10.04 -0.09
C ARG A 76 13.78 -10.06 -0.08
N ARG A 77 14.91 -9.42 0.24
CA ARG A 77 15.86 -10.03 1.15
C ARG A 77 15.24 -10.27 2.53
N MET A 78 14.47 -9.29 3.02
CA MET A 78 13.87 -9.43 4.33
C MET A 78 12.96 -10.65 4.40
N PHE A 79 12.09 -10.81 3.41
CA PHE A 79 11.08 -11.85 3.48
C PHE A 79 11.59 -13.22 3.04
N GLU A 80 12.63 -13.25 2.20
CA GLU A 80 13.13 -14.52 1.70
C GLU A 80 14.28 -15.08 2.51
N SER A 81 15.09 -14.23 3.13
CA SER A 81 16.31 -14.65 3.81
CA SER A 81 16.31 -14.65 3.81
C SER A 81 16.34 -14.32 5.29
N VAL A 82 15.87 -13.15 5.70
CA VAL A 82 15.98 -12.73 7.09
C VAL A 82 14.87 -13.36 7.94
N VAL A 83 13.63 -13.16 7.55
CA VAL A 83 12.51 -13.79 8.24
C VAL A 83 12.48 -15.26 7.86
N VAL A 84 12.64 -16.13 8.85
CA VAL A 84 12.75 -17.56 8.63
C VAL A 84 11.53 -18.24 9.22
N GLY A 85 11.05 -19.29 8.54
CA GLY A 85 10.01 -20.13 9.08
C GLY A 85 8.70 -20.13 8.32
N TYR A 86 8.56 -19.33 7.26
CA TYR A 86 7.29 -19.26 6.53
C TYR A 86 7.55 -19.49 5.05
N ASP A 87 6.63 -20.18 4.39
CA ASP A 87 6.75 -20.38 2.95
C ASP A 87 6.20 -19.18 2.17
N THR A 88 5.16 -18.53 2.67
CA THR A 88 4.56 -17.42 1.96
C THR A 88 3.93 -16.46 2.96
N TYR A 89 3.45 -15.34 2.46
CA TYR A 89 2.91 -14.28 3.30
C TYR A 89 1.66 -13.71 2.63
N LEU A 90 0.78 -13.14 3.44
CA LEU A 90 -0.37 -12.40 2.94
C LEU A 90 -0.51 -11.10 3.71
N GLN A 91 -0.69 -10.01 2.99
CA GLN A 91 -0.87 -8.71 3.63
C GLN A 91 -2.14 -8.70 4.47
N THR A 92 -2.05 -8.12 5.68
CA THR A 92 -3.20 -7.93 6.55
C THR A 92 -3.48 -6.48 6.89
N GLU A 93 -2.48 -5.60 6.83
CA GLU A 93 -2.66 -4.23 7.29
C GLU A 93 -1.52 -3.38 6.74
N GLU A 94 -1.83 -2.11 6.47
CA GLU A 94 -0.82 -1.21 5.94
C GLU A 94 -1.06 0.18 6.50
N VAL A 95 0.02 0.93 6.69
CA VAL A 95 -0.05 2.35 7.02
C VAL A 95 0.87 3.09 6.07
N PHE A 96 0.34 4.12 5.40
CA PHE A 96 1.11 4.97 4.50
C PHE A 96 1.19 6.35 5.13
N GLU A 97 2.41 6.83 5.37
CA GLU A 97 2.61 8.17 5.90
C GLU A 97 3.18 9.03 4.78
N GLN A 98 2.37 9.96 4.28
CA GLN A 98 2.78 10.84 3.18
C GLN A 98 3.30 12.14 3.78
N HIS A 99 4.59 12.11 4.20
CA HIS A 99 5.16 13.27 4.84
C HIS A 99 5.19 14.46 3.89
N ARG A 100 5.60 14.23 2.65
CA ARG A 100 5.24 15.12 1.55
C ARG A 100 4.93 14.26 0.34
N PRO A 101 4.09 14.74 -0.57
CA PRO A 101 3.74 13.92 -1.73
C PRO A 101 4.96 13.68 -2.62
N ILE A 102 5.10 12.44 -3.09
CA ILE A 102 6.17 12.11 -4.02
C ILE A 102 5.78 12.57 -5.42
N VAL A 103 6.74 13.17 -6.15
CA VAL A 103 6.48 13.64 -7.51
C VAL A 103 7.50 13.05 -8.48
N ALA A 104 7.12 12.97 -9.75
CA ALA A 104 8.08 12.61 -10.79
C ALA A 104 9.29 13.54 -10.71
N GLY A 105 10.47 12.93 -10.77
CA GLY A 105 11.72 13.63 -10.56
C GLY A 105 12.36 13.38 -9.20
N ASP A 106 11.56 13.01 -8.19
CA ASP A 106 12.15 12.63 -6.91
C ASP A 106 13.01 11.39 -7.09
N GLU A 107 14.15 11.38 -6.41
CA GLU A 107 15.03 10.22 -6.38
C GLU A 107 15.20 9.81 -4.93
N LEU A 108 14.78 8.58 -4.61
CA LEU A 108 14.49 8.19 -3.22
C LEU A 108 15.36 7.02 -2.79
N HIS A 109 16.05 7.17 -1.66
CA HIS A 109 16.79 6.08 -1.07
C HIS A 109 15.87 5.34 -0.10
N ILE A 110 15.88 4.01 -0.17
CA ILE A 110 14.89 3.19 0.51
C ILE A 110 15.60 2.26 1.47
N ASP A 111 15.04 2.10 2.67
CA ASP A 111 15.56 1.13 3.63
C ASP A 111 14.42 0.23 4.12
N VAL A 112 14.80 -0.80 4.88
CA VAL A 112 13.90 -1.82 5.38
C VAL A 112 14.26 -2.12 6.82
N GLU A 113 13.24 -2.24 7.67
CA GLU A 113 13.45 -2.61 9.06
C GLU A 113 12.37 -3.57 9.50
N LEU A 114 12.79 -4.67 10.14
CA LEU A 114 11.88 -5.63 10.74
C LEU A 114 11.47 -5.05 12.09
N THR A 115 10.25 -4.54 12.17
CA THR A 115 9.87 -3.76 13.34
C THR A 115 9.17 -4.59 14.42
N SER A 116 8.50 -5.68 14.06
CA SER A 116 7.87 -6.52 15.08
C SER A 116 7.43 -7.83 14.45
N ILE A 117 7.34 -8.85 15.30
CA ILE A 117 6.71 -10.13 14.97
C ILE A 117 5.87 -10.51 16.19
N ARG A 118 4.55 -10.41 16.06
CA ARG A 118 3.61 -10.70 17.14
C ARG A 118 2.80 -11.95 16.79
N ARG A 119 2.57 -12.81 17.78
CA ARG A 119 1.76 -14.00 17.60
C ARG A 119 0.42 -13.81 18.31
N VAL A 120 -0.66 -13.83 17.54
CA VAL A 120 -2.02 -13.66 18.08
C VAL A 120 -2.90 -14.75 17.48
N ALA A 121 -3.55 -15.52 18.35
CA ALA A 121 -4.52 -16.53 17.93
C ALA A 121 -3.95 -17.46 16.86
N GLY A 122 -2.73 -17.92 17.09
CA GLY A 122 -2.10 -18.90 16.23
C GLY A 122 -1.57 -18.38 14.91
N ARG A 123 -1.55 -17.07 14.69
CA ARG A 123 -1.00 -16.46 13.49
C ARG A 123 0.18 -15.56 13.87
N ASP A 124 1.23 -15.59 13.08
CA ASP A 124 2.39 -14.73 13.31
C ASP A 124 2.25 -13.50 12.42
N LEU A 125 2.14 -12.33 13.04
CA LEU A 125 1.95 -11.06 12.33
C LEU A 125 3.29 -10.33 12.27
N ILE A 126 3.80 -10.14 11.06
CA ILE A 126 5.15 -9.64 10.82
C ILE A 126 5.03 -8.25 10.22
N THR A 127 5.65 -7.26 10.85
N THR A 127 5.70 -7.27 10.83
CA THR A 127 5.59 -5.88 10.38
CA THR A 127 5.71 -5.89 10.36
C THR A 127 6.97 -5.42 9.96
C THR A 127 7.09 -5.55 9.82
N VAL A 128 7.10 -5.06 8.70
N VAL A 128 7.10 -4.87 8.67
CA VAL A 128 8.30 -4.41 8.17
CA VAL A 128 8.33 -4.44 7.98
C VAL A 128 7.96 -2.94 7.90
C VAL A 128 8.11 -3.01 7.52
N THR A 129 8.97 -2.09 7.99
CA THR A 129 8.80 -0.67 7.74
C THR A 129 9.83 -0.23 6.71
N ASN A 130 9.38 0.50 5.70
CA ASN A 130 10.26 1.12 4.72
C ASN A 130 10.21 2.63 4.90
N THR A 131 11.36 3.29 4.77
CA THR A 131 11.37 4.74 4.66
C THR A 131 11.95 5.14 3.32
N PHE A 132 11.50 6.29 2.82
CA PHE A 132 11.93 6.83 1.53
C PHE A 132 12.51 8.20 1.80
N THR A 133 13.77 8.39 1.44
CA THR A 133 14.49 9.63 1.75
C THR A 133 14.91 10.31 0.45
N ASP A 134 14.59 11.59 0.32
CA ASP A 134 14.92 12.27 -0.94
C ASP A 134 16.39 12.69 -0.98
N MET A 135 16.76 13.40 -2.05
CA MET A 135 18.15 13.79 -2.27
C MET A 135 18.63 14.86 -1.28
N ALA A 136 17.71 15.51 -0.58
CA ALA A 136 18.06 16.43 0.51
C ALA A 136 18.14 15.73 1.86
N GLY A 137 18.03 14.41 1.89
CA GLY A 137 18.10 13.70 3.14
C GLY A 137 16.86 13.78 3.99
N GLU A 138 15.73 14.17 3.41
CA GLU A 138 14.48 14.27 4.16
C GLU A 138 13.61 13.05 3.93
N ARG A 139 13.00 12.56 5.00
CA ARG A 139 12.11 11.41 4.90
C ARG A 139 10.78 11.87 4.33
N VAL A 140 10.47 11.43 3.11
CA VAL A 140 9.24 11.85 2.44
C VAL A 140 8.08 10.87 2.62
N HIS A 141 8.37 9.62 2.96
CA HIS A 141 7.31 8.63 3.07
C HIS A 141 7.78 7.55 4.03
N THR A 142 6.84 7.06 4.85
CA THR A 142 7.06 5.90 5.70
C THR A 142 5.95 4.91 5.42
N LEU A 143 6.31 3.65 5.19
CA LEU A 143 5.35 2.60 4.84
C LEU A 143 5.49 1.50 5.89
N HIS A 144 4.38 1.10 6.49
CA HIS A 144 4.37 0.02 7.49
C HIS A 144 3.53 -1.12 6.93
N THR A 145 4.17 -2.26 6.69
CA THR A 145 3.53 -3.41 6.05
C THR A 145 3.40 -4.53 7.07
N THR A 146 2.17 -4.99 7.31
CA THR A 146 1.94 -6.13 8.18
C THR A 146 1.45 -7.30 7.34
N VAL A 147 2.09 -8.45 7.49
CA VAL A 147 1.69 -9.66 6.81
C VAL A 147 1.54 -10.76 7.84
N VAL A 148 0.77 -11.78 7.49
CA VAL A 148 0.70 -13.01 8.26
C VAL A 148 1.63 -14.01 7.58
N GLY A 149 2.45 -14.69 8.39
CA GLY A 149 3.33 -15.72 7.87
C GLY A 149 2.60 -17.04 7.79
N ILE A 150 2.73 -17.70 6.65
CA ILE A 150 2.04 -18.97 6.39
C ILE A 150 3.08 -20.06 6.30
N THR A 151 2.94 -21.09 7.14
CA THR A 151 3.88 -22.21 7.13
C THR A 151 3.45 -23.28 6.14
N ALA A 152 4.37 -24.21 5.89
CA ALA A 152 4.15 -25.25 4.88
C ALA A 152 2.89 -26.05 5.18
N ASP A 153 2.69 -26.44 6.44
CA ASP A 153 1.59 -27.33 6.81
C ASP A 153 0.23 -26.66 6.74
N GLU A 154 0.16 -25.35 6.51
CA GLU A 154 -1.11 -24.65 6.45
C GLU A 154 -1.73 -24.63 5.06
N ILE A 155 -1.02 -25.08 4.04
CA ILE A 155 -1.53 -25.13 2.68
C ILE A 155 -1.38 -26.56 2.16
N SER A 156 -2.20 -26.89 1.15
CA SER A 156 -2.26 -28.22 0.55
C SER A 156 -0.86 -28.72 0.22
N PRO A 157 -0.60 -30.02 0.35
CA PRO A 157 0.68 -30.55 -0.12
C PRO A 157 0.88 -30.25 -1.60
N GLY A 158 2.09 -29.87 -1.96
CA GLY A 158 2.39 -29.55 -3.34
C GLY A 158 1.92 -28.20 -3.81
N THR A 159 1.22 -27.43 -2.96
CA THR A 159 0.83 -26.08 -3.37
C THR A 159 2.04 -25.20 -3.64
N MET A 160 3.05 -25.27 -2.75
CA MET A 160 4.22 -24.43 -2.95
C MET A 160 5.00 -24.80 -4.20
N ALA A 161 5.03 -26.09 -4.55
CA ALA A 161 5.69 -26.49 -5.79
C ALA A 161 4.98 -25.93 -7.01
N ALA A 162 3.64 -25.91 -6.99
CA ALA A 162 2.89 -25.30 -8.08
C ALA A 162 3.13 -23.80 -8.14
N VAL A 163 3.18 -23.15 -6.97
CA VAL A 163 3.47 -21.72 -6.91
C VAL A 163 4.83 -21.42 -7.54
N GLN A 164 5.86 -22.16 -7.10
CA GLN A 164 7.20 -21.92 -7.61
C GLN A 164 7.27 -22.14 -9.12
N LYS A 165 6.58 -23.16 -9.61
CA LYS A 165 6.58 -23.45 -11.04
C LYS A 165 5.93 -22.34 -11.84
N ALA A 166 4.86 -21.74 -11.30
CA ALA A 166 4.13 -20.72 -12.02
C ALA A 166 4.80 -19.36 -11.97
N MET A 167 5.66 -19.11 -10.99
CA MET A 167 6.16 -17.75 -10.80
C MET A 167 7.11 -17.33 -11.91
N MET A 168 7.18 -16.02 -12.16
CA MET A 168 8.07 -15.51 -13.19
C MET A 168 9.53 -15.80 -12.86
N HIS A 169 10.37 -15.76 -13.89
CA HIS A 169 11.80 -15.95 -13.74
C HIS A 169 12.45 -14.61 -13.39
N ASP A 170 13.17 -14.58 -12.26
CA ASP A 170 13.74 -13.36 -11.72
C ASP A 170 15.05 -13.75 -11.06
N VAL A 171 16.18 -13.41 -11.67
CA VAL A 171 17.45 -13.61 -11.01
C VAL A 171 17.63 -12.52 -9.96
N ASP A 172 18.26 -12.88 -8.84
CA ASP A 172 18.48 -11.96 -7.73
C ASP A 172 19.19 -10.68 -8.17
N SER A 182 25.78 -17.16 6.16
CA SER A 182 25.43 -17.19 7.57
C SER A 182 24.93 -15.81 8.04
N TYR A 183 23.77 -15.81 8.69
CA TYR A 183 23.07 -14.55 8.98
C TYR A 183 23.84 -13.72 10.01
N ILE A 184 23.85 -12.41 9.79
CA ILE A 184 24.45 -11.44 10.70
C ILE A 184 23.47 -10.31 10.89
N LYS A 185 23.06 -10.07 12.14
CA LYS A 185 22.09 -9.02 12.42
C LYS A 185 22.75 -7.65 12.30
N THR A 186 22.07 -6.73 11.62
CA THR A 186 22.45 -5.33 11.55
C THR A 186 21.24 -4.50 11.93
N VAL A 187 21.46 -3.41 12.66
CA VAL A 187 20.38 -2.57 13.15
C VAL A 187 20.53 -1.16 12.57
N ARG A 188 19.47 -0.36 12.72
CA ARG A 188 19.48 0.99 12.17
C ARG A 188 20.54 1.82 12.87
N PRO A 189 21.41 2.50 12.13
CA PRO A 189 22.42 3.33 12.76
C PRO A 189 21.78 4.50 13.49
N ALA A 190 22.47 4.97 14.54
CA ALA A 190 21.99 6.15 15.26
C ALA A 190 22.01 7.36 14.33
N GLY A 191 21.10 8.29 14.59
CA GLY A 191 20.99 9.48 13.79
C GLY A 191 19.60 10.08 13.94
N GLU A 192 19.52 11.38 13.64
CA GLU A 192 18.26 12.09 13.70
C GLU A 192 17.59 12.05 12.33
N VAL A 193 16.27 11.93 12.34
CA VAL A 193 15.48 11.96 11.11
C VAL A 193 15.06 13.40 10.84
N ARG A 194 15.25 13.84 9.60
CA ARG A 194 14.61 15.06 9.12
C ARG A 194 13.38 14.62 8.34
N VAL A 195 12.20 14.86 8.90
CA VAL A 195 10.96 14.47 8.25
C VAL A 195 10.50 15.62 7.35
N ALA A 196 10.18 15.31 6.11
CA ALA A 196 9.65 16.32 5.21
C ALA A 196 8.30 16.79 5.71
N GLN A 197 7.94 18.02 5.36
CA GLN A 197 6.57 18.47 5.54
C GLN A 197 6.13 19.22 4.29
N ASP A 198 4.83 19.54 4.27
CA ASP A 198 4.21 20.13 3.09
C ASP A 198 3.33 21.30 3.48
N THR A 199 3.59 21.90 4.65
CA THR A 199 2.68 22.90 5.19
C THR A 199 2.62 24.16 4.33
N ALA A 200 3.69 24.46 3.58
CA ALA A 200 3.70 25.65 2.74
C ALA A 200 2.77 25.54 1.53
N ARG A 201 2.40 24.33 1.12
CA ARG A 201 1.57 24.13 -0.07
C ARG A 201 0.10 24.08 0.34
N ASN A 202 -0.69 25.03 -0.13
CA ASN A 202 -2.12 25.04 0.23
C ASN A 202 -2.83 23.87 -0.44
N PRO A 203 -3.59 23.06 0.29
CA PRO A 203 -4.17 21.85 -0.30
C PRO A 203 -5.39 22.16 -1.17
N GLY A 204 -5.64 21.27 -2.11
CA GLY A 204 -6.74 21.45 -3.05
C GLY A 204 -8.01 20.75 -2.63
N THR A 205 -8.25 20.69 -1.33
CA THR A 205 -9.37 19.99 -0.71
C THR A 205 -10.48 20.98 -0.37
N PRO A 206 -11.65 20.49 0.07
CA PRO A 206 -12.71 21.41 0.51
C PRO A 206 -12.23 22.31 1.64
N SER A 207 -12.83 23.48 1.74
CA SER A 207 -12.61 24.33 2.90
C SER A 207 -12.96 23.58 4.18
N PHE A 208 -12.10 23.72 5.18
CA PHE A 208 -12.42 23.18 6.50
C PHE A 208 -13.80 23.64 6.96
N ASP A 209 -14.21 24.84 6.56
CA ASP A 209 -15.47 25.41 7.02
C ASP A 209 -16.68 24.84 6.29
N ASP A 210 -16.46 24.08 5.22
CA ASP A 210 -17.53 23.49 4.42
C ASP A 210 -17.72 22.00 4.69
N VAL A 211 -17.00 21.43 5.66
CA VAL A 211 -17.16 20.04 6.06
C VAL A 211 -17.50 19.99 7.55
N LYS A 212 -18.14 18.88 7.95
CA LYS A 212 -18.59 18.70 9.31
C LYS A 212 -18.40 17.25 9.73
N VAL A 213 -18.12 17.06 11.03
CA VAL A 213 -18.08 15.71 11.58
C VAL A 213 -19.41 15.03 11.30
N GLY A 214 -19.34 13.79 10.82
CA GLY A 214 -20.53 13.03 10.46
C GLY A 214 -20.91 13.11 9.00
N ASP A 215 -20.32 14.02 8.24
CA ASP A 215 -20.59 14.10 6.81
C ASP A 215 -20.23 12.78 6.15
N GLU A 216 -21.13 12.25 5.34
CA GLU A 216 -20.90 10.99 4.63
C GLU A 216 -20.51 11.25 3.18
N LEU A 217 -19.59 10.43 2.68
CA LEU A 217 -19.14 10.55 1.30
C LEU A 217 -20.10 9.79 0.39
N PRO A 218 -20.39 10.30 -0.80
CA PRO A 218 -21.20 9.52 -1.74
C PRO A 218 -20.48 8.22 -2.07
N VAL A 219 -21.27 7.14 -2.15
CA VAL A 219 -20.70 5.82 -2.40
C VAL A 219 -20.25 5.70 -3.85
N HIS A 220 -19.19 4.93 -4.08
CA HIS A 220 -18.69 4.68 -5.42
C HIS A 220 -18.39 3.19 -5.54
N HIS A 221 -18.75 2.61 -6.69
CA HIS A 221 -18.43 1.22 -6.97
C HIS A 221 -17.27 1.17 -7.94
N THR A 222 -16.22 0.43 -7.58
CA THR A 222 -15.11 0.17 -8.49
C THR A 222 -15.13 -1.31 -8.85
N ARG A 223 -15.04 -1.62 -10.14
CA ARG A 223 -15.06 -2.99 -10.62
C ARG A 223 -13.65 -3.48 -10.89
N LEU A 224 -13.40 -4.75 -10.61
CA LEU A 224 -12.12 -5.40 -10.92
C LEU A 224 -12.37 -6.65 -11.73
N SER A 225 -11.62 -6.82 -12.81
CA SER A 225 -11.65 -8.02 -13.62
C SER A 225 -10.39 -8.82 -13.37
N ARG A 226 -10.36 -10.05 -13.89
CA ARG A 226 -9.12 -10.81 -13.86
C ARG A 226 -7.98 -10.02 -14.53
N GLY A 227 -8.28 -9.30 -15.60
CA GLY A 227 -7.23 -8.56 -16.29
C GLY A 227 -6.68 -7.39 -15.49
N ASP A 228 -7.52 -6.76 -14.66
CA ASP A 228 -7.02 -5.73 -13.76
C ASP A 228 -5.95 -6.30 -12.84
N LEU A 229 -6.18 -7.51 -12.33
CA LEU A 229 -5.22 -8.13 -11.42
C LEU A 229 -3.97 -8.56 -12.15
N VAL A 230 -4.11 -9.09 -13.37
CA VAL A 230 -2.94 -9.43 -14.16
C VAL A 230 -2.10 -8.18 -14.43
N ASN A 231 -2.76 -7.09 -14.82
CA ASN A 231 -2.02 -5.84 -15.07
C ASN A 231 -1.30 -5.38 -13.81
N TYR A 232 -2.00 -5.42 -12.67
CA TYR A 232 -1.40 -4.98 -11.41
C TYR A 232 -0.20 -5.86 -11.04
N ALA A 233 -0.33 -7.17 -11.22
CA ALA A 233 0.80 -8.06 -10.94
C ALA A 233 2.08 -7.58 -11.65
N GLY A 234 1.98 -7.22 -12.92
CA GLY A 234 3.17 -6.78 -13.64
C GLY A 234 3.60 -5.37 -13.27
N VAL A 235 2.65 -4.44 -13.21
CA VAL A 235 2.97 -3.05 -12.95
C VAL A 235 3.60 -2.90 -11.56
N ALA A 236 3.04 -3.59 -10.58
CA ALA A 236 3.55 -3.52 -9.20
C ALA A 236 4.62 -4.55 -8.88
N GLY A 237 4.94 -5.44 -9.83
CA GLY A 237 5.94 -6.46 -9.55
C GLY A 237 5.57 -7.44 -8.46
N ASP A 238 4.29 -7.78 -8.32
CA ASP A 238 3.86 -8.80 -7.36
C ASP A 238 3.74 -10.13 -8.12
N ALA A 239 4.62 -11.08 -7.78
CA ALA A 239 4.71 -12.35 -8.48
C ALA A 239 3.72 -13.40 -7.97
N ASN A 240 2.91 -13.11 -6.96
CA ASN A 240 2.15 -14.19 -6.29
C ASN A 240 1.00 -14.68 -7.17
N PRO A 241 0.96 -15.96 -7.54
CA PRO A 241 -0.07 -16.46 -8.47
C PRO A 241 -1.48 -16.54 -7.89
N ILE A 242 -1.68 -16.36 -6.58
CA ILE A 242 -3.05 -16.40 -6.07
C ILE A 242 -3.89 -15.28 -6.65
N HIS A 243 -3.26 -14.28 -7.25
CA HIS A 243 -3.97 -13.15 -7.83
C HIS A 243 -4.24 -13.32 -9.32
N TRP A 244 -3.87 -14.46 -9.89
CA TRP A 244 -4.14 -14.67 -11.31
C TRP A 244 -4.27 -16.12 -11.74
N ASP A 245 -4.11 -17.11 -10.86
CA ASP A 245 -4.33 -18.50 -11.25
C ASP A 245 -5.35 -19.11 -10.31
N GLU A 246 -6.52 -19.43 -10.87
CA GLU A 246 -7.62 -19.93 -10.05
C GLU A 246 -7.27 -21.26 -9.39
N GLU A 247 -6.59 -22.15 -10.14
CA GLU A 247 -6.25 -23.47 -9.58
C GLU A 247 -5.32 -23.33 -8.38
N ILE A 248 -4.29 -22.50 -8.50
CA ILE A 248 -3.36 -22.31 -7.39
C ILE A 248 -4.05 -21.58 -6.24
N ALA A 249 -4.88 -20.57 -6.54
CA ALA A 249 -5.62 -19.88 -5.48
C ALA A 249 -6.45 -20.86 -4.66
N LYS A 250 -7.13 -21.79 -5.34
CA LYS A 250 -7.92 -22.78 -4.60
C LYS A 250 -7.01 -23.72 -3.82
N LEU A 251 -5.88 -24.12 -4.40
CA LEU A 251 -4.94 -24.97 -3.67
C LEU A 251 -4.48 -24.29 -2.39
N ALA A 252 -4.30 -22.98 -2.44
CA ALA A 252 -3.90 -22.22 -1.25
C ALA A 252 -5.04 -22.02 -0.25
N GLY A 253 -6.20 -22.62 -0.49
CA GLY A 253 -7.30 -22.52 0.46
C GLY A 253 -8.25 -21.37 0.23
N LEU A 254 -8.10 -20.63 -0.85
CA LEU A 254 -8.96 -19.50 -1.15
C LEU A 254 -10.15 -19.95 -1.98
N PRO A 255 -11.25 -19.19 -1.95
CA PRO A 255 -12.42 -19.58 -2.75
C PRO A 255 -12.23 -19.39 -4.25
N ASP A 256 -11.34 -18.49 -4.65
CA ASP A 256 -11.11 -18.15 -6.05
C ASP A 256 -9.89 -17.24 -6.06
N VAL A 257 -9.51 -16.78 -7.25
CA VAL A 257 -8.54 -15.69 -7.36
C VAL A 257 -9.01 -14.51 -6.50
N ILE A 258 -8.07 -13.86 -5.82
CA ILE A 258 -8.37 -12.68 -5.01
C ILE A 258 -7.53 -11.49 -5.49
N ALA A 259 -8.06 -10.29 -5.27
CA ALA A 259 -7.32 -9.08 -5.61
C ALA A 259 -6.18 -8.86 -4.64
N HIS A 260 -5.11 -8.24 -5.14
CA HIS A 260 -4.01 -7.83 -4.28
C HIS A 260 -4.53 -6.86 -3.23
N GLY A 261 -4.13 -7.07 -1.97
CA GLY A 261 -4.49 -6.12 -0.94
C GLY A 261 -4.07 -4.69 -1.28
N MET A 262 -2.85 -4.52 -1.83
N MET A 262 -2.87 -4.52 -1.82
CA MET A 262 -2.37 -3.18 -2.17
CA MET A 262 -2.39 -3.19 -2.15
C MET A 262 -3.23 -2.55 -3.25
C MET A 262 -3.22 -2.55 -3.26
N LEU A 263 -3.70 -3.35 -4.21
CA LEU A 263 -4.57 -2.83 -5.24
C LEU A 263 -5.87 -2.28 -4.64
N THR A 264 -6.52 -3.06 -3.77
CA THR A 264 -7.73 -2.54 -3.15
C THR A 264 -7.47 -1.30 -2.31
N MET A 265 -6.31 -1.22 -1.65
CA MET A 265 -6.00 0.01 -0.91
C MET A 265 -5.80 1.18 -1.86
N GLY A 266 -5.13 0.94 -3.00
CA GLY A 266 -5.02 1.99 -4.00
C GLY A 266 -6.36 2.44 -4.53
N LEU A 267 -7.30 1.50 -4.71
CA LEU A 267 -8.64 1.88 -5.13
C LEU A 267 -9.31 2.76 -4.09
N GLY A 268 -9.08 2.47 -2.81
CA GLY A 268 -9.63 3.30 -1.74
C GLY A 268 -9.05 4.70 -1.76
N ALA A 269 -7.74 4.83 -2.01
CA ALA A 269 -7.13 6.16 -2.09
C ALA A 269 -7.65 6.94 -3.29
N GLY A 270 -7.91 6.26 -4.40
CA GLY A 270 -8.48 6.92 -5.57
C GLY A 270 -9.90 7.40 -5.33
N PHE A 271 -10.72 6.54 -4.71
CA PHE A 271 -12.04 6.96 -4.23
C PHE A 271 -11.93 8.22 -3.38
N PHE A 272 -10.97 8.23 -2.45
CA PHE A 272 -10.86 9.36 -1.53
C PHE A 272 -10.42 10.63 -2.26
N SER A 273 -9.43 10.54 -3.16
N SER A 273 -9.43 10.52 -3.17
CA SER A 273 -9.01 11.76 -3.85
CA SER A 273 -8.96 11.67 -3.93
C SER A 273 -10.03 12.24 -4.90
C SER A 273 -10.05 12.23 -4.84
N ALA A 274 -10.87 11.36 -5.42
CA ALA A 274 -11.95 11.83 -6.28
C ALA A 274 -12.91 12.71 -5.50
N TRP A 275 -13.11 12.41 -4.21
CA TRP A 275 -13.94 13.22 -3.33
C TRP A 275 -13.20 14.46 -2.84
N SER A 276 -11.94 14.30 -2.42
CA SER A 276 -11.22 15.36 -1.74
C SER A 276 -10.66 16.40 -2.69
N GLY A 277 -10.30 16.00 -3.91
CA GLY A 277 -9.70 16.92 -4.86
C GLY A 277 -8.19 17.03 -4.84
N ASP A 278 -7.51 16.33 -3.93
CA ASP A 278 -6.05 16.49 -3.84
C ASP A 278 -5.41 15.26 -3.21
N PRO A 279 -4.83 14.36 -4.01
CA PRO A 279 -4.17 13.17 -3.45
C PRO A 279 -3.07 13.50 -2.46
N GLY A 280 -2.37 14.63 -2.66
CA GLY A 280 -1.28 15.00 -1.77
C GLY A 280 -1.69 15.54 -0.43
N ALA A 281 -2.96 15.89 -0.26
CA ALA A 281 -3.44 16.46 0.98
C ALA A 281 -3.55 15.44 2.11
N VAL A 282 -3.52 14.15 1.78
CA VAL A 282 -3.50 13.09 2.78
C VAL A 282 -2.14 13.07 3.47
N THR A 283 -2.14 13.00 4.80
CA THR A 283 -0.90 12.78 5.53
C THR A 283 -0.73 11.35 6.01
N ARG A 284 -1.84 10.62 6.18
CA ARG A 284 -1.75 9.26 6.68
C ARG A 284 -2.96 8.47 6.22
N TYR A 285 -2.70 7.26 5.73
CA TYR A 285 -3.73 6.33 5.28
C TYR A 285 -3.44 5.02 5.97
N ALA A 286 -4.37 4.57 6.80
CA ALA A 286 -4.21 3.33 7.56
C ALA A 286 -5.34 2.40 7.22
N VAL A 287 -5.02 1.16 6.82
CA VAL A 287 -6.04 0.21 6.39
C VAL A 287 -5.76 -1.14 7.02
N ARG A 288 -6.71 -1.62 7.82
N ARG A 288 -6.75 -1.67 7.74
CA ARG A 288 -6.77 -3.03 8.18
CA ARG A 288 -6.72 -3.05 8.20
C ARG A 288 -7.60 -3.73 7.12
C ARG A 288 -7.66 -3.87 7.32
N LEU A 289 -7.11 -4.86 6.63
CA LEU A 289 -7.89 -5.69 5.71
C LEU A 289 -8.73 -6.71 6.48
N SER A 290 -9.90 -7.02 5.93
CA SER A 290 -10.75 -8.09 6.45
CA SER A 290 -10.71 -8.11 6.47
C SER A 290 -10.83 -9.24 5.44
N ALA A 291 -12.01 -9.46 4.88
CA ALA A 291 -12.16 -10.54 3.93
C ALA A 291 -11.46 -10.21 2.61
N PRO A 292 -10.92 -11.20 1.91
CA PRO A 292 -10.32 -10.92 0.61
C PRO A 292 -11.39 -10.53 -0.40
N ALA A 293 -10.99 -9.75 -1.40
CA ALA A 293 -11.88 -9.39 -2.49
C ALA A 293 -11.76 -10.45 -3.58
N ILE A 294 -12.77 -11.30 -3.69
CA ILE A 294 -12.76 -12.40 -4.65
C ILE A 294 -13.00 -11.84 -6.04
N VAL A 295 -12.20 -12.27 -7.02
CA VAL A 295 -12.32 -11.81 -8.40
C VAL A 295 -12.52 -13.06 -9.25
N SER A 296 -13.79 -13.40 -9.51
CA SER A 296 -14.09 -14.59 -10.29
C SER A 296 -13.96 -14.32 -11.78
N ALA A 297 -13.80 -15.41 -12.54
CA ALA A 297 -13.75 -15.29 -14.00
C ALA A 297 -15.07 -14.80 -14.57
N ALA A 298 -16.19 -15.25 -13.99
CA ALA A 298 -17.50 -14.93 -14.56
C ALA A 298 -17.96 -13.51 -14.22
N GLU A 299 -17.66 -13.01 -13.02
CA GLU A 299 -18.23 -11.77 -12.54
C GLU A 299 -17.23 -10.70 -12.13
N GLY A 300 -15.97 -11.05 -11.92
CA GLY A 300 -15.08 -10.06 -11.34
C GLY A 300 -15.49 -9.73 -9.92
N ALA A 301 -15.02 -8.57 -9.46
CA ALA A 301 -15.43 -8.02 -8.18
C ALA A 301 -16.09 -6.67 -8.38
N ASP A 302 -16.99 -6.34 -7.46
CA ASP A 302 -17.64 -5.03 -7.41
C ASP A 302 -17.45 -4.53 -5.98
N ILE A 303 -16.53 -3.60 -5.81
CA ILE A 303 -16.17 -3.09 -4.49
C ILE A 303 -16.88 -1.76 -4.26
N GLU A 304 -17.65 -1.69 -3.18
CA GLU A 304 -18.39 -0.49 -2.81
C GLU A 304 -17.60 0.27 -1.76
N PHE A 305 -17.20 1.49 -2.08
CA PHE A 305 -16.47 2.36 -1.16
C PHE A 305 -17.40 3.41 -0.58
N GLY A 306 -17.19 3.72 0.71
CA GLY A 306 -17.90 4.78 1.39
C GLY A 306 -16.98 5.46 2.39
N GLY A 307 -17.52 6.43 3.11
CA GLY A 307 -16.70 7.08 4.13
C GLY A 307 -17.51 8.09 4.92
N LYS A 308 -16.92 8.52 6.03
N LYS A 308 -16.95 8.46 6.08
CA LYS A 308 -17.63 9.41 6.95
CA LYS A 308 -17.61 9.41 6.97
C LYS A 308 -16.62 10.17 7.81
C LYS A 308 -16.56 10.19 7.74
N ILE A 309 -16.77 11.50 7.84
CA ILE A 309 -15.85 12.33 8.61
C ILE A 309 -15.97 12.01 10.10
N LYS A 310 -14.85 11.61 10.70
CA LYS A 310 -14.84 11.19 12.10
C LYS A 310 -14.46 12.32 13.05
N SER A 311 -13.51 13.16 12.67
CA SER A 311 -13.06 14.24 13.54
C SER A 311 -12.49 15.38 12.71
N LEU A 312 -12.53 16.58 13.27
CA LEU A 312 -11.97 17.78 12.65
C LEU A 312 -11.22 18.56 13.72
N ASP A 313 -10.10 19.17 13.33
CA ASP A 313 -9.27 19.95 14.23
C ASP A 313 -9.16 21.35 13.66
N PRO A 314 -9.87 22.34 14.22
CA PRO A 314 -9.81 23.68 13.64
C PRO A 314 -8.46 24.38 13.79
N GLN A 315 -7.58 23.90 14.67
CA GLN A 315 -6.28 24.56 14.84
C GLN A 315 -5.38 24.31 13.64
N THR A 316 -5.35 23.07 13.15
CA THR A 316 -4.58 22.74 11.97
C THR A 316 -5.42 22.67 10.71
N ARG A 317 -6.75 22.79 10.85
CA ARG A 317 -7.68 22.66 9.72
C ARG A 317 -7.51 21.31 9.02
N THR A 318 -7.36 20.26 9.82
CA THR A 318 -7.22 18.88 9.33
C THR A 318 -8.37 18.04 9.85
N GLY A 319 -8.48 16.82 9.33
CA GLY A 319 -9.49 15.93 9.86
C GLY A 319 -9.14 14.49 9.59
N ILE A 320 -9.95 13.60 10.17
CA ILE A 320 -9.83 12.16 9.97
C ILE A 320 -11.16 11.66 9.39
N VAL A 321 -11.06 10.90 8.30
CA VAL A 321 -12.22 10.36 7.60
C VAL A 321 -12.11 8.85 7.60
N VAL A 322 -13.15 8.16 8.08
CA VAL A 322 -13.21 6.71 7.97
C VAL A 322 -13.55 6.36 6.52
N VAL A 323 -12.86 5.37 5.96
CA VAL A 323 -13.13 4.85 4.62
C VAL A 323 -13.58 3.41 4.78
N THR A 324 -14.67 3.04 4.10
CA THR A 324 -15.19 1.68 4.14
C THR A 324 -15.12 1.04 2.77
N ALA A 325 -15.07 -0.29 2.74
CA ALA A 325 -15.01 -1.02 1.49
C ALA A 325 -15.65 -2.38 1.70
N LYS A 326 -16.61 -2.73 0.84
CA LYS A 326 -17.33 -3.99 0.93
C LYS A 326 -17.54 -4.57 -0.46
N ALA A 327 -17.69 -5.89 -0.52
CA ALA A 327 -18.04 -6.59 -1.75
C ALA A 327 -18.90 -7.78 -1.41
N SER A 328 -20.00 -7.94 -2.15
CA SER A 328 -20.88 -9.11 -2.05
C SER A 328 -21.26 -9.44 -0.60
N GLY A 329 -21.58 -8.41 0.18
CA GLY A 329 -22.07 -8.61 1.53
C GLY A 329 -21.01 -8.73 2.60
N LYS A 330 -19.73 -8.67 2.25
CA LYS A 330 -18.66 -8.79 3.24
C LYS A 330 -17.78 -7.55 3.21
N LYS A 331 -17.27 -7.18 4.38
N LYS A 331 -17.31 -7.16 4.38
CA LYS A 331 -16.34 -6.06 4.46
CA LYS A 331 -16.32 -6.10 4.48
C LYS A 331 -14.97 -6.49 3.96
C LYS A 331 -15.02 -6.58 3.84
N ILE A 332 -14.40 -5.69 3.05
CA ILE A 332 -13.05 -5.90 2.56
C ILE A 332 -12.04 -5.17 3.44
N PHE A 333 -12.42 -4.00 3.94
CA PHE A 333 -11.63 -3.26 4.91
C PHE A 333 -12.25 -3.44 6.28
N GLY A 334 -11.41 -3.68 7.28
CA GLY A 334 -11.79 -3.39 8.65
C GLY A 334 -11.66 -1.90 8.86
N LEU A 335 -11.15 -1.48 10.01
CA LEU A 335 -10.95 -0.05 10.25
C LEU A 335 -9.97 0.52 9.24
N ALA A 336 -10.38 1.58 8.55
CA ALA A 336 -9.49 2.29 7.65
C ALA A 336 -9.74 3.79 7.80
N THR A 337 -8.68 4.57 7.84
CA THR A 337 -8.83 6.01 8.04
C THR A 337 -7.91 6.79 7.11
N MET A 338 -8.38 7.97 6.69
CA MET A 338 -7.56 8.95 6.00
C MET A 338 -7.42 10.16 6.90
N SER A 339 -6.18 10.60 7.14
CA SER A 339 -5.95 11.89 7.79
C SER A 339 -5.61 12.88 6.70
N VAL A 340 -6.29 14.03 6.66
CA VAL A 340 -6.25 14.90 5.49
C VAL A 340 -6.24 16.37 5.91
N ARG A 341 -5.54 17.18 5.10
CA ARG A 341 -5.50 18.62 5.29
C ARG A 341 -6.64 19.27 4.50
N PHE A 342 -7.44 20.08 5.17
CA PHE A 342 -8.49 20.85 4.52
C PHE A 342 -8.00 22.27 4.21
N SER A 343 -8.68 22.92 3.28
CA SER A 343 -8.26 24.26 2.83
C SER A 343 -8.90 25.40 3.62
#